data_6IUQ
#
_entry.id   6IUQ
#
_cell.length_a   61.724
_cell.length_b   63.782
_cell.length_c   72.845
_cell.angle_alpha   80.18
_cell.angle_beta   65.27
_cell.angle_gamma   71.17
#
_symmetry.space_group_name_H-M   'P 1'
#
loop_
_entity.id
_entity.type
_entity.pdbx_description
1 polymer 'Prolyl 4-hydroxylase'
2 non-polymer 'FE (II) ION'
3 water water
#
_entity_poly.entity_id   1
_entity_poly.type   'polypeptide(L)'
_entity_poly.pdbx_seq_one_letter_code
;(MSE)(MSE)NKFPGVYKESFTRDYERLHNKISKEVCDQLDDKGYVVIDDCFGHGWASALLEE(MSE)RWLNENDHFKPN
KTQFALTQKGSDGKPQAFHFVKPHIFEVDLHDAALRTKVPELDALFHSTELLQALTTHLPQYDLQFSTSDRTLKLQRNAG
HGGCFPCHYDNPGAPNKRKVTCLLYLNEGWKEGDGGEVQLFPFLQQPVTVAPK(MSE)DRVVLFQSDW(MSE)LHRVLPS
HAERYVLTIWLDGAKVNAPEDAQLRLTQSDLADWFGFLERLRRSPVQRLLSRGVYEEEYYESL(MSE)EC(MSE)QSTST
EGCVELLKSHETHVENVKRNGPLYGFIQRLRDVRA(MSE)NNEEPVHLNLQHHHHHH
;
_entity_poly.pdbx_strand_id   A,B
#
# COMPACT_ATOMS: atom_id res chain seq x y z
N LYS A 4 3.60 -32.11 0.14
CA LYS A 4 4.32 -31.80 1.39
C LYS A 4 3.94 -30.44 1.98
N PHE A 5 3.75 -29.40 1.16
CA PHE A 5 3.13 -28.20 1.70
C PHE A 5 1.73 -28.59 2.10
N PRO A 6 1.37 -28.34 3.37
CA PRO A 6 0.09 -28.76 3.98
C PRO A 6 -1.12 -28.44 3.12
N GLY A 7 -1.15 -27.28 2.47
CA GLY A 7 -2.20 -26.99 1.51
C GLY A 7 -3.29 -26.06 2.00
N VAL A 8 -3.06 -25.43 3.14
CA VAL A 8 -4.04 -24.49 3.69
C VAL A 8 -3.43 -23.10 3.73
N TYR A 9 -4.16 -22.13 3.21
CA TYR A 9 -3.62 -20.79 3.04
C TYR A 9 -4.34 -19.82 3.96
N LYS A 10 -3.60 -18.85 4.47
CA LYS A 10 -4.15 -17.87 5.41
C LYS A 10 -5.26 -17.00 4.81
N GLU A 11 -5.36 -16.98 3.49
CA GLU A 11 -6.30 -16.10 2.80
C GLU A 11 -6.79 -16.73 1.51
N SER A 12 -8.03 -16.46 1.14
CA SER A 12 -8.56 -17.03 -0.08
C SER A 12 -7.90 -16.35 -1.26
N PHE A 13 -7.67 -17.07 -2.36
CA PHE A 13 -7.04 -16.46 -3.51
C PHE A 13 -7.44 -17.12 -4.82
N THR A 14 -7.14 -16.43 -5.92
CA THR A 14 -7.37 -16.98 -7.25
C THR A 14 -6.07 -17.00 -8.03
N ARG A 15 -5.70 -18.19 -8.51
CA ARG A 15 -4.61 -18.29 -9.46
C ARG A 15 -5.09 -17.62 -10.75
N ASP A 16 -4.82 -16.33 -10.88
CA ASP A 16 -5.46 -15.52 -11.93
C ASP A 16 -4.53 -15.17 -13.08
N TYR A 17 -4.35 -16.13 -13.99
CA TYR A 17 -3.45 -16.00 -15.13
C TYR A 17 -3.77 -14.84 -16.04
N GLU A 18 -5.04 -14.59 -16.27
CA GLU A 18 -5.47 -13.50 -17.14
C GLU A 18 -5.12 -12.14 -16.55
N ARG A 19 -5.28 -11.98 -15.23
CA ARG A 19 -4.85 -10.75 -14.56
C ARG A 19 -3.36 -10.51 -14.86
N LEU A 20 -2.56 -11.56 -14.70
CA LEU A 20 -1.12 -11.48 -14.92
C LEU A 20 -0.84 -11.05 -16.35
N HIS A 21 -1.47 -11.75 -17.30
CA HIS A 21 -1.30 -11.40 -18.70
C HIS A 21 -1.70 -9.95 -18.97
N ASN A 22 -2.82 -9.51 -18.40
CA ASN A 22 -3.26 -8.12 -18.64
C ASN A 22 -2.36 -7.09 -17.96
N LYS A 23 -1.75 -7.47 -16.84
CA LYS A 23 -0.82 -6.54 -16.19
C LYS A 23 0.40 -6.31 -17.06
N ILE A 24 0.84 -7.33 -17.79
CA ILE A 24 1.98 -7.16 -18.67
C ILE A 24 1.51 -6.64 -20.02
N SER A 25 1.18 -5.35 -20.03
CA SER A 25 0.52 -4.71 -21.17
C SER A 25 1.49 -4.15 -22.19
N LYS A 26 0.96 -3.74 -23.32
CA LYS A 26 1.70 -3.03 -24.37
C LYS A 26 2.44 -1.80 -23.80
N GLU A 27 1.76 -1.05 -22.96
CA GLU A 27 2.34 0.15 -22.35
C GLU A 27 3.50 -0.19 -21.42
N VAL A 28 3.30 -1.23 -20.61
CA VAL A 28 4.33 -1.73 -19.72
C VAL A 28 5.55 -2.17 -20.54
N CYS A 29 5.32 -2.93 -21.60
CA CYS A 29 6.41 -3.39 -22.44
C CYS A 29 7.11 -2.24 -23.17
N ASP A 30 6.36 -1.22 -23.59
CA ASP A 30 6.99 -0.08 -24.25
C ASP A 30 7.88 0.67 -23.26
N GLN A 31 7.47 0.74 -22.01
CA GLN A 31 8.30 1.40 -21.00
C GLN A 31 9.57 0.61 -20.70
N LEU A 32 9.41 -0.71 -20.58
CA LEU A 32 10.55 -1.58 -20.35
C LEU A 32 11.57 -1.39 -21.45
N ASP A 33 11.09 -1.40 -22.69
CA ASP A 33 11.97 -1.24 -23.82
C ASP A 33 12.60 0.15 -23.92
N ASP A 34 11.84 1.19 -23.56
CA ASP A 34 12.34 2.55 -23.67
C ASP A 34 13.23 2.93 -22.46
N LYS A 35 12.65 2.85 -21.26
CA LYS A 35 13.33 3.30 -20.06
C LYS A 35 14.33 2.26 -19.51
N GLY A 36 14.12 0.98 -19.84
CA GLY A 36 15.04 -0.05 -19.38
C GLY A 36 14.48 -0.84 -18.21
N TYR A 37 13.42 -0.31 -17.61
CA TYR A 37 12.78 -0.93 -16.47
C TYR A 37 11.34 -0.53 -16.43
N VAL A 38 10.54 -1.28 -15.67
CA VAL A 38 9.18 -0.85 -15.40
C VAL A 38 8.69 -1.49 -14.10
N VAL A 39 7.89 -0.74 -13.33
CA VAL A 39 7.38 -1.18 -12.04
C VAL A 39 5.86 -1.43 -12.13
N ILE A 40 5.41 -2.57 -11.60
CA ILE A 40 3.99 -2.91 -11.62
C ILE A 40 3.49 -3.23 -10.20
N ASP A 41 2.63 -2.36 -9.66
CA ASP A 41 2.09 -2.56 -8.33
C ASP A 41 0.88 -3.46 -8.39
N ASP A 42 0.69 -4.22 -7.31
CA ASP A 42 -0.44 -5.13 -7.11
C ASP A 42 -0.67 -6.04 -8.33
N CYS A 43 0.41 -6.66 -8.77
CA CYS A 43 0.41 -7.39 -10.03
C CYS A 43 -0.40 -8.71 -9.93
N PHE A 44 -0.08 -9.56 -8.96
CA PHE A 44 -0.77 -10.86 -8.84
C PHE A 44 -2.07 -10.75 -8.08
N GLY A 45 -2.19 -9.71 -7.24
CA GLY A 45 -3.30 -9.60 -6.32
C GLY A 45 -2.85 -10.11 -4.97
N HIS A 46 -3.47 -9.61 -3.91
CA HIS A 46 -2.97 -9.83 -2.57
C HIS A 46 -3.05 -11.28 -2.11
N GLY A 47 -4.16 -11.95 -2.43
CA GLY A 47 -4.33 -13.34 -2.02
C GLY A 47 -3.28 -14.21 -2.66
N TRP A 48 -3.14 -14.09 -3.97
CA TRP A 48 -2.22 -14.91 -4.75
C TRP A 48 -0.76 -14.66 -4.33
N ALA A 49 -0.36 -13.40 -4.22
CA ALA A 49 0.96 -13.07 -3.66
C ALA A 49 1.17 -13.65 -2.27
N SER A 50 0.17 -13.58 -1.41
CA SER A 50 0.27 -14.18 -0.07
C SER A 50 0.48 -15.69 -0.10
N ALA A 51 -0.27 -16.36 -0.96
CA ALA A 51 -0.13 -17.79 -1.17
C ALA A 51 1.30 -18.20 -1.57
N LEU A 52 1.90 -17.46 -2.49
CA LEU A 52 3.27 -17.75 -2.95
C LEU A 52 4.25 -17.56 -1.80
N LEU A 53 4.06 -16.50 -1.02
CA LEU A 53 4.90 -16.20 0.15
C LEU A 53 4.81 -17.31 1.20
N GLU A 54 3.59 -17.78 1.48
CA GLU A 54 3.40 -18.88 2.43
C GLU A 54 4.20 -20.10 2.01
N GLU A 55 4.12 -20.47 0.73
CA GLU A 55 4.88 -21.61 0.24
C GLU A 55 6.38 -21.39 0.38
N ARG A 57 7.90 -19.48 2.70
CA ARG A 57 8.22 -19.58 4.11
C ARG A 57 8.28 -21.05 4.53
N TRP A 58 7.38 -21.86 3.98
CA TRP A 58 7.38 -23.28 4.25
C TRP A 58 8.69 -23.93 3.78
N LEU A 59 9.10 -23.60 2.56
CA LEU A 59 10.35 -24.11 2.02
C LEU A 59 11.51 -23.78 2.94
N ASN A 60 11.44 -22.59 3.51
CA ASN A 60 12.48 -22.11 4.43
C ASN A 60 12.45 -22.81 5.80
N GLU A 61 11.25 -23.14 6.28
CA GLU A 61 11.10 -23.89 7.54
C GLU A 61 11.62 -25.30 7.39
N ASN A 62 11.50 -25.86 6.19
CA ASN A 62 11.92 -27.22 5.98
C ASN A 62 13.28 -27.27 5.29
N ASP A 63 14.08 -26.26 5.61
CA ASP A 63 15.50 -26.22 5.29
C ASP A 63 15.83 -26.50 3.83
N HIS A 64 15.02 -25.95 2.92
CA HIS A 64 15.30 -26.07 1.50
C HIS A 64 16.08 -24.87 0.96
N PHE A 65 16.12 -23.78 1.71
CA PHE A 65 16.90 -22.63 1.32
C PHE A 65 18.30 -23.02 1.71
N LYS A 66 19.24 -22.69 0.84
CA LYS A 66 20.62 -23.01 1.10
C LYS A 66 21.52 -21.84 0.89
N PRO A 67 22.51 -21.64 1.74
CA PRO A 67 23.47 -20.55 1.46
C PRO A 67 24.07 -20.64 0.07
N ILE A 93 21.62 -14.30 3.77
CA ILE A 93 21.16 -14.51 2.39
C ILE A 93 21.10 -15.96 1.92
N PHE A 94 19.90 -16.43 1.65
CA PHE A 94 19.70 -17.84 1.29
C PHE A 94 18.81 -17.97 0.05
N GLU A 95 19.08 -18.98 -0.77
CA GLU A 95 18.44 -19.10 -2.07
C GLU A 95 18.03 -20.53 -2.39
N VAL A 96 17.04 -20.67 -3.26
CA VAL A 96 16.69 -21.97 -3.81
C VAL A 96 16.26 -21.80 -5.27
N ASP A 97 16.71 -22.72 -6.12
CA ASP A 97 16.33 -22.73 -7.51
C ASP A 97 15.20 -23.74 -7.67
N LEU A 98 14.18 -23.40 -8.44
CA LEU A 98 13.04 -24.31 -8.58
C LEU A 98 13.08 -25.11 -9.88
N HIS A 99 14.27 -25.32 -10.43
CA HIS A 99 14.45 -26.12 -11.64
C HIS A 99 14.12 -27.59 -11.37
N ASP A 100 14.29 -28.00 -10.11
CA ASP A 100 14.04 -29.36 -9.65
C ASP A 100 12.54 -29.68 -9.51
N ALA A 101 12.00 -30.53 -10.38
CA ALA A 101 10.59 -30.94 -10.32
C ALA A 101 10.24 -31.61 -9.00
N ALA A 102 11.21 -32.27 -8.38
CA ALA A 102 11.01 -32.95 -7.11
C ALA A 102 10.65 -31.94 -6.03
N LEU A 103 11.30 -30.79 -6.10
CA LEU A 103 11.09 -29.70 -5.15
C LEU A 103 9.76 -29.01 -5.46
N ARG A 104 9.52 -28.80 -6.74
CA ARG A 104 8.38 -28.02 -7.19
C ARG A 104 7.08 -28.69 -6.83
N THR A 105 7.08 -30.02 -6.84
CA THR A 105 5.90 -30.81 -6.48
C THR A 105 5.44 -30.55 -5.05
N LYS A 106 6.35 -30.06 -4.21
CA LYS A 106 5.98 -29.75 -2.83
C LYS A 106 5.19 -28.45 -2.71
N VAL A 107 5.29 -27.58 -3.72
CA VAL A 107 4.71 -26.23 -3.63
C VAL A 107 3.90 -25.83 -4.86
N PRO A 108 2.61 -26.20 -4.85
CA PRO A 108 1.72 -26.09 -6.03
C PRO A 108 1.60 -24.72 -6.66
N GLU A 109 1.52 -23.65 -5.86
CA GLU A 109 1.42 -22.32 -6.45
C GLU A 109 2.76 -21.91 -7.06
N LEU A 110 3.87 -22.29 -6.42
CA LEU A 110 5.16 -21.98 -7.00
C LEU A 110 5.40 -22.83 -8.24
N ASP A 111 4.90 -24.07 -8.24
CA ASP A 111 5.04 -24.94 -9.39
C ASP A 111 4.24 -24.40 -10.58
N ALA A 112 3.01 -23.98 -10.32
CA ALA A 112 2.18 -23.34 -11.34
C ALA A 112 2.81 -22.04 -11.84
N LEU A 113 3.48 -21.29 -10.96
CA LEU A 113 4.14 -20.08 -11.42
C LEU A 113 5.30 -20.48 -12.31
N PHE A 114 6.00 -21.55 -11.97
CA PHE A 114 7.12 -21.99 -12.79
C PHE A 114 6.67 -22.37 -14.20
N HIS A 115 5.50 -22.98 -14.31
CA HIS A 115 5.00 -23.46 -15.59
C HIS A 115 4.20 -22.40 -16.35
N SER A 116 3.86 -21.32 -15.68
CA SER A 116 3.13 -20.25 -16.35
C SER A 116 3.95 -19.63 -17.49
N THR A 117 3.29 -19.33 -18.60
CA THR A 117 3.96 -18.69 -19.72
C THR A 117 3.38 -17.31 -20.04
N GLU A 118 2.60 -16.76 -19.12
CA GLU A 118 1.93 -15.48 -19.37
C GLU A 118 2.95 -14.38 -19.63
N LEU A 119 3.99 -14.35 -18.82
CA LEU A 119 5.05 -13.38 -18.96
C LEU A 119 5.75 -13.53 -20.30
N LEU A 120 6.13 -14.76 -20.63
CA LEU A 120 6.77 -15.05 -21.90
C LEU A 120 5.88 -14.65 -23.07
N GLN A 121 4.58 -14.92 -22.96
CA GLN A 121 3.66 -14.61 -24.05
C GLN A 121 3.55 -13.10 -24.29
N ALA A 122 3.30 -12.33 -23.22
CA ALA A 122 3.16 -10.89 -23.35
C ALA A 122 4.40 -10.27 -23.93
N LEU A 123 5.55 -10.62 -23.36
CA LEU A 123 6.81 -10.06 -23.84
C LEU A 123 7.10 -10.45 -25.29
N THR A 124 6.88 -11.71 -25.66
CA THR A 124 7.18 -12.09 -27.04
C THR A 124 6.16 -11.50 -28.01
N THR A 125 4.95 -11.21 -27.54
CA THR A 125 3.96 -10.54 -28.38
C THR A 125 4.38 -9.09 -28.62
N HIS A 126 4.67 -8.36 -27.54
CA HIS A 126 4.94 -6.93 -27.65
C HIS A 126 6.39 -6.61 -27.96
N LEU A 127 7.31 -7.50 -27.63
CA LEU A 127 8.74 -7.31 -27.90
C LEU A 127 9.41 -8.49 -28.59
N PRO A 128 8.96 -8.82 -29.81
CA PRO A 128 9.46 -9.99 -30.54
C PRO A 128 10.97 -9.93 -30.75
N GLN A 129 11.53 -8.72 -30.80
CA GLN A 129 12.95 -8.58 -31.13
C GLN A 129 13.88 -9.16 -30.05
N TYR A 130 13.38 -9.37 -28.83
CA TYR A 130 14.23 -9.89 -27.75
C TYR A 130 14.48 -11.39 -27.92
N ASP A 131 13.64 -12.04 -28.70
CA ASP A 131 13.81 -13.45 -29.03
C ASP A 131 13.84 -14.33 -27.80
N LEU A 132 12.87 -14.15 -26.91
CA LEU A 132 12.83 -14.90 -25.66
C LEU A 132 12.46 -16.37 -25.91
N GLN A 133 12.88 -17.24 -25.01
CA GLN A 133 12.74 -18.66 -25.21
C GLN A 133 11.75 -19.32 -24.26
N PHE A 134 10.92 -20.21 -24.79
CA PHE A 134 9.92 -20.91 -24.01
C PHE A 134 10.43 -22.17 -23.33
N SER A 135 11.58 -22.67 -23.78
CA SER A 135 12.10 -23.91 -23.22
C SER A 135 12.38 -23.73 -21.74
N THR A 136 12.19 -24.79 -20.96
CA THR A 136 12.34 -24.69 -19.52
C THR A 136 13.80 -24.52 -19.16
N SER A 137 14.66 -24.78 -20.13
CA SER A 137 16.10 -24.63 -19.96
C SER A 137 16.50 -23.15 -19.96
N ASP A 138 15.65 -22.32 -20.58
CA ASP A 138 15.97 -20.91 -20.78
C ASP A 138 15.15 -19.98 -19.87
N ARG A 139 14.71 -20.51 -18.73
CA ARG A 139 14.09 -19.72 -17.69
C ARG A 139 14.71 -20.19 -16.37
N THR A 140 14.87 -19.28 -15.43
CA THR A 140 15.34 -19.62 -14.09
C THR A 140 14.38 -19.00 -13.12
N LEU A 141 13.97 -19.76 -12.12
CA LEU A 141 13.13 -19.19 -11.08
C LEU A 141 13.83 -19.35 -9.74
N LYS A 142 14.29 -18.23 -9.19
CA LYS A 142 15.06 -18.26 -7.95
C LYS A 142 14.28 -17.63 -6.78
N LEU A 143 14.31 -18.30 -5.62
CA LEU A 143 13.78 -17.74 -4.40
C LEU A 143 14.92 -17.25 -3.52
N GLN A 144 14.73 -16.10 -2.88
CA GLN A 144 15.78 -15.53 -2.05
C GLN A 144 15.24 -14.99 -0.74
N ARG A 145 15.86 -15.41 0.37
CA ARG A 145 15.59 -14.83 1.67
C ARG A 145 16.83 -14.07 2.14
N ASN A 146 16.63 -12.81 2.50
CA ASN A 146 17.68 -12.01 3.10
C ASN A 146 17.32 -11.77 4.56
N ALA A 147 18.16 -12.29 5.45
CA ALA A 147 17.92 -12.22 6.89
C ALA A 147 17.68 -10.81 7.42
N GLY A 148 18.32 -9.83 6.79
CA GLY A 148 18.27 -8.45 7.24
C GLY A 148 19.52 -8.11 8.01
N HIS A 149 20.66 -8.57 7.56
CA HIS A 149 21.86 -8.31 8.34
C HIS A 149 22.92 -7.49 7.64
N GLY A 150 22.54 -6.48 6.90
CA GLY A 150 23.56 -5.84 6.09
C GLY A 150 24.06 -6.91 5.13
N GLY A 151 25.33 -6.86 4.71
CA GLY A 151 25.87 -7.82 3.74
C GLY A 151 26.61 -7.22 2.55
N CYS A 152 26.82 -8.01 1.50
CA CYS A 152 27.53 -7.55 0.30
C CYS A 152 26.64 -7.53 -0.95
N PHE A 153 26.45 -6.34 -1.53
CA PHE A 153 25.62 -6.18 -2.72
C PHE A 153 26.30 -5.28 -3.76
N PRO A 154 27.17 -5.87 -4.57
CA PRO A 154 27.87 -4.96 -5.49
C PRO A 154 26.96 -4.43 -6.60
N CYS A 155 27.37 -3.29 -7.19
CA CYS A 155 26.73 -2.80 -8.41
C CYS A 155 26.96 -3.81 -9.50
N HIS A 156 25.95 -4.14 -10.28
CA HIS A 156 26.15 -5.14 -11.33
C HIS A 156 25.08 -5.08 -12.39
N TYR A 157 25.33 -5.77 -13.50
CA TYR A 157 24.31 -6.12 -14.49
C TYR A 157 23.96 -7.61 -14.31
N ASP A 158 22.68 -7.95 -14.41
CA ASP A 158 22.24 -9.35 -14.29
C ASP A 158 22.84 -10.25 -15.36
N ASN A 159 23.11 -9.67 -16.53
CA ASN A 159 23.91 -10.29 -17.56
C ASN A 159 25.16 -9.42 -17.76
N PRO A 160 26.27 -9.82 -17.14
CA PRO A 160 27.55 -9.08 -17.24
C PRO A 160 28.33 -9.32 -18.54
N GLY A 161 27.87 -10.28 -19.31
CA GLY A 161 28.41 -10.62 -20.57
C GLY A 161 28.71 -12.08 -20.64
N ALA A 162 29.64 -12.40 -21.52
CA ALA A 162 30.25 -13.72 -21.70
C ALA A 162 29.33 -14.69 -22.25
N PRO A 163 29.07 -15.71 -21.46
CA PRO A 163 28.15 -16.78 -21.78
C PRO A 163 26.79 -16.53 -21.16
N ASN A 164 26.63 -15.59 -20.23
CA ASN A 164 25.32 -15.33 -19.66
C ASN A 164 24.24 -15.10 -20.72
N LYS A 165 23.11 -15.75 -20.56
CA LYS A 165 22.02 -15.71 -21.50
C LYS A 165 20.81 -14.86 -21.13
N ARG A 166 20.81 -14.27 -19.95
CA ARG A 166 19.68 -13.50 -19.45
C ARG A 166 19.40 -12.24 -20.25
N LYS A 167 18.12 -12.05 -20.55
CA LYS A 167 17.66 -10.88 -21.28
C LYS A 167 16.73 -10.01 -20.42
N VAL A 168 15.69 -10.61 -19.83
CA VAL A 168 14.76 -9.88 -18.96
C VAL A 168 14.81 -10.36 -17.51
N THR A 169 14.95 -9.42 -16.57
CA THR A 169 14.87 -9.74 -15.16
C THR A 169 13.49 -9.41 -14.63
N CYS A 170 12.89 -10.35 -13.91
CA CYS A 170 11.57 -10.16 -13.35
C CYS A 170 11.58 -10.42 -11.86
N LEU A 171 11.35 -9.37 -11.09
CA LEU A 171 11.40 -9.44 -9.64
C LEU A 171 10.02 -9.33 -9.04
N LEU A 172 9.63 -10.29 -8.21
CA LEU A 172 8.40 -10.21 -7.44
C LEU A 172 8.72 -10.03 -5.96
N TYR A 173 8.31 -8.89 -5.41
CA TYR A 173 8.57 -8.57 -4.02
C TYR A 173 7.39 -8.96 -3.13
N LEU A 174 7.72 -9.41 -1.92
CA LEU A 174 6.76 -10.08 -1.07
C LEU A 174 6.93 -9.71 0.39
N ASN A 175 7.08 -8.42 0.67
CA ASN A 175 7.24 -7.94 2.04
C ASN A 175 6.06 -7.06 2.45
N GLU A 176 5.16 -7.60 3.27
CA GLU A 176 3.93 -6.87 3.59
C GLU A 176 4.14 -5.79 4.64
N GLY A 177 3.54 -4.63 4.41
CA GLY A 177 3.70 -3.51 5.31
C GLY A 177 5.13 -3.05 5.39
N TRP A 178 5.87 -3.17 4.27
CA TRP A 178 7.20 -2.59 4.17
C TRP A 178 7.08 -1.12 4.53
N LYS A 179 8.05 -0.59 5.26
CA LYS A 179 8.02 0.81 5.68
C LYS A 179 9.37 1.44 5.41
N GLU A 180 9.39 2.76 5.23
CA GLU A 180 10.63 3.50 5.11
C GLU A 180 11.57 3.14 6.26
N GLY A 181 12.82 2.82 5.93
CA GLY A 181 13.77 2.37 6.92
C GLY A 181 13.95 0.87 6.94
N ASP A 182 12.97 0.11 6.44
CA ASP A 182 13.12 -1.33 6.32
C ASP A 182 14.26 -1.66 5.36
N GLY A 183 14.55 -0.74 4.45
CA GLY A 183 15.61 -0.94 3.48
C GLY A 183 15.25 -2.03 2.49
N GLY A 184 16.27 -2.62 1.87
CA GLY A 184 16.05 -3.65 0.88
C GLY A 184 15.57 -3.20 -0.49
N GLU A 185 15.57 -1.89 -0.75
CA GLU A 185 15.18 -1.39 -2.06
C GLU A 185 16.18 -1.82 -3.13
N VAL A 186 15.69 -1.91 -4.36
CA VAL A 186 16.57 -2.07 -5.49
C VAL A 186 16.77 -0.68 -6.05
N GLN A 187 18.03 -0.30 -6.25
CA GLN A 187 18.39 0.97 -6.85
C GLN A 187 18.83 0.73 -8.27
N LEU A 188 18.11 1.34 -9.21
CA LEU A 188 18.39 1.21 -10.63
C LEU A 188 19.19 2.41 -11.08
N PHE A 189 20.08 2.19 -12.04
CA PHE A 189 20.86 3.29 -12.63
C PHE A 189 20.70 3.32 -14.14
N PRO A 190 19.54 3.79 -14.63
CA PRO A 190 19.43 4.00 -16.08
C PRO A 190 20.61 4.88 -16.52
N PHE A 191 21.37 4.44 -17.52
CA PHE A 191 22.74 4.91 -17.70
C PHE A 191 22.77 6.43 -17.92
N LEU A 192 23.51 7.12 -17.04
CA LEU A 192 23.69 8.59 -17.04
C LEU A 192 22.43 9.37 -16.61
N GLN A 193 21.37 8.69 -16.18
CA GLN A 193 20.18 9.40 -15.70
C GLN A 193 20.20 9.49 -14.20
N GLN A 194 19.15 10.06 -13.62
CA GLN A 194 18.98 10.02 -12.18
C GLN A 194 18.68 8.60 -11.76
N PRO A 195 19.26 8.14 -10.65
CA PRO A 195 18.97 6.80 -10.15
C PRO A 195 17.51 6.67 -9.73
N VAL A 196 17.04 5.43 -9.70
CA VAL A 196 15.68 5.16 -9.29
C VAL A 196 15.67 4.13 -8.15
N THR A 197 15.07 4.51 -7.03
CA THR A 197 15.01 3.63 -5.88
C THR A 197 13.60 3.09 -5.74
N VAL A 198 13.50 1.76 -5.73
CA VAL A 198 12.24 1.05 -5.76
C VAL A 198 12.06 0.21 -4.51
N ALA A 199 11.09 0.56 -3.67
CA ALA A 199 10.84 -0.18 -2.43
C ALA A 199 10.34 -1.58 -2.75
N PRO A 200 10.75 -2.58 -1.98
CA PRO A 200 10.30 -3.95 -2.26
C PRO A 200 8.92 -4.26 -1.66
N LYS A 201 7.90 -3.54 -2.09
CA LYS A 201 6.56 -3.73 -1.55
C LYS A 201 5.93 -5.03 -2.00
N ASP A 203 3.74 -7.72 -3.50
CA ASP A 203 3.01 -7.86 -4.75
C ASP A 203 3.41 -6.79 -5.77
N ARG A 204 4.61 -6.25 -5.61
CA ARG A 204 5.19 -5.37 -6.61
C ARG A 204 6.11 -6.14 -7.54
N VAL A 205 5.96 -5.93 -8.83
CA VAL A 205 6.80 -6.55 -9.85
C VAL A 205 7.71 -5.49 -10.51
N VAL A 206 9.01 -5.79 -10.58
CA VAL A 206 9.92 -4.96 -11.37
C VAL A 206 10.46 -5.79 -12.53
N LEU A 207 10.37 -5.24 -13.74
CA LEU A 207 10.99 -5.84 -14.91
C LEU A 207 12.07 -4.90 -15.31
N PHE A 208 13.24 -5.44 -15.64
CA PHE A 208 14.26 -4.62 -16.25
C PHE A 208 15.18 -5.41 -17.21
N GLN A 209 15.99 -4.69 -17.97
CA GLN A 209 16.89 -5.31 -18.95
C GLN A 209 18.08 -5.97 -18.25
N SER A 210 18.23 -7.28 -18.40
CA SER A 210 19.34 -7.95 -17.75
C SER A 210 20.70 -7.47 -18.31
N ASP A 211 20.78 -7.18 -19.62
CA ASP A 211 22.07 -6.82 -20.21
C ASP A 211 22.35 -5.32 -20.33
N TRP A 212 21.40 -4.44 -20.01
CA TRP A 212 21.79 -3.03 -19.94
C TRP A 212 21.14 -2.19 -18.86
N LEU A 214 22.03 -1.27 -15.06
CA LEU A 214 22.90 -1.32 -13.88
C LEU A 214 22.04 -1.20 -12.63
N HIS A 215 22.33 -1.98 -11.60
CA HIS A 215 21.55 -1.90 -10.36
C HIS A 215 22.33 -2.46 -9.18
N ARG A 216 21.78 -2.23 -7.99
CA ARG A 216 22.27 -2.85 -6.77
C ARG A 216 21.09 -2.93 -5.83
N VAL A 217 21.26 -3.77 -4.81
CA VAL A 217 20.27 -3.87 -3.75
C VAL A 217 20.81 -3.12 -2.52
N LEU A 218 19.97 -2.29 -1.90
CA LEU A 218 20.37 -1.57 -0.68
C LEU A 218 20.22 -2.49 0.53
N PRO A 219 20.97 -2.20 1.61
CA PRO A 219 20.93 -3.02 2.82
C PRO A 219 19.54 -3.09 3.41
N SER A 220 19.17 -4.26 3.88
CA SER A 220 17.90 -4.49 4.52
C SER A 220 18.09 -4.58 6.03
N HIS A 221 17.16 -3.99 6.78
CA HIS A 221 17.19 -4.05 8.22
C HIS A 221 16.07 -4.94 8.74
N ALA A 222 15.41 -5.62 7.81
CA ALA A 222 14.32 -6.54 8.13
C ALA A 222 14.41 -7.75 7.21
N GLU A 223 13.71 -8.83 7.56
CA GLU A 223 13.61 -10.00 6.70
C GLU A 223 13.01 -9.59 5.35
N ARG A 224 13.59 -10.10 4.27
CA ARG A 224 13.23 -9.70 2.91
C ARG A 224 13.16 -10.92 2.02
N TYR A 225 11.98 -11.18 1.46
CA TYR A 225 11.80 -12.24 0.48
C TYR A 225 11.63 -11.64 -0.91
N VAL A 226 12.24 -12.29 -1.89
CA VAL A 226 12.04 -11.90 -3.28
C VAL A 226 12.03 -13.13 -4.18
N LEU A 227 11.16 -13.11 -5.19
CA LEU A 227 11.12 -14.17 -6.17
C LEU A 227 11.66 -13.61 -7.47
N THR A 228 12.64 -14.27 -8.06
CA THR A 228 13.22 -13.78 -9.31
C THR A 228 12.98 -14.74 -10.47
N ILE A 229 12.51 -14.20 -11.58
CA ILE A 229 12.43 -14.96 -12.82
C ILE A 229 13.31 -14.30 -13.88
N TRP A 230 14.19 -15.07 -14.49
CA TRP A 230 15.01 -14.56 -15.57
C TRP A 230 14.59 -15.20 -16.87
N LEU A 231 14.40 -14.39 -17.89
CA LEU A 231 14.07 -14.91 -19.21
C LEU A 231 15.27 -14.76 -20.15
N ASP A 232 15.74 -15.86 -20.74
CA ASP A 232 16.90 -15.78 -21.64
C ASP A 232 16.55 -15.30 -23.05
N GLY A 233 17.50 -14.65 -23.70
CA GLY A 233 17.32 -14.22 -25.08
C GLY A 233 18.35 -14.89 -25.98
N ALA A 234 17.93 -15.28 -27.18
CA ALA A 234 18.81 -15.99 -28.10
C ALA A 234 19.93 -15.08 -28.67
N LYS A 235 19.72 -13.77 -28.65
CA LYS A 235 20.61 -12.83 -29.34
C LYS A 235 21.42 -11.96 -28.39
N VAL A 236 21.44 -12.33 -27.12
CA VAL A 236 22.12 -11.52 -26.14
C VAL A 236 23.64 -11.68 -26.27
N ASN A 237 24.37 -10.64 -25.89
CA ASN A 237 25.84 -10.60 -25.98
C ASN A 237 26.36 -10.77 -27.42
N ALA A 238 25.59 -10.25 -28.37
CA ALA A 238 25.92 -10.21 -29.78
C ALA A 238 27.09 -9.27 -30.06
N PRO A 239 27.73 -9.41 -31.24
CA PRO A 239 28.81 -8.50 -31.65
C PRO A 239 28.39 -7.02 -31.72
N GLU A 240 27.21 -6.72 -32.25
CA GLU A 240 26.79 -5.32 -32.35
C GLU A 240 26.49 -4.73 -30.97
N ASP A 241 26.32 -5.60 -29.97
CA ASP A 241 26.15 -5.13 -28.59
C ASP A 241 27.48 -4.75 -27.98
N ALA A 242 28.59 -5.12 -28.62
CA ALA A 242 29.90 -4.82 -28.06
C ALA A 242 30.62 -3.69 -28.80
N GLN A 243 29.83 -2.79 -29.38
CA GLN A 243 30.40 -1.65 -30.08
C GLN A 243 29.48 -0.44 -30.00
N LEU A 244 30.05 0.73 -30.25
CA LEU A 244 29.32 1.98 -30.28
C LEU A 244 29.47 2.63 -31.65
N ARG A 245 28.40 3.25 -32.16
CA ARG A 245 28.55 4.00 -33.40
C ARG A 245 28.64 5.49 -33.11
N LEU A 246 29.60 6.16 -33.75
CA LEU A 246 29.57 7.61 -33.87
C LEU A 246 29.22 8.00 -35.31
N THR A 247 28.14 8.75 -35.48
CA THR A 247 27.66 9.07 -36.80
C THR A 247 27.76 10.56 -37.04
N GLN A 248 27.59 10.99 -38.28
CA GLN A 248 27.64 12.40 -38.64
C GLN A 248 26.54 13.21 -37.96
N SER A 249 25.33 12.63 -37.85
CA SER A 249 24.20 13.28 -37.17
C SER A 249 24.45 13.53 -35.69
N ASP A 250 25.26 12.67 -35.07
CA ASP A 250 25.59 12.83 -33.66
C ASP A 250 26.29 14.15 -33.39
N LEU A 251 27.07 14.59 -34.36
CA LEU A 251 27.85 15.82 -34.22
C LEU A 251 26.97 17.02 -33.91
N ALA A 252 25.72 16.99 -34.37
CA ALA A 252 24.79 18.10 -34.14
C ALA A 252 23.70 17.73 -33.14
N ASP A 253 23.81 16.53 -32.54
CA ASP A 253 22.78 15.97 -31.68
C ASP A 253 23.40 14.89 -30.79
N TRP A 254 24.17 15.30 -29.79
CA TRP A 254 24.81 14.35 -28.88
C TRP A 254 23.81 13.53 -28.09
N PHE A 255 22.61 14.08 -27.91
CA PHE A 255 21.56 13.40 -27.16
C PHE A 255 21.28 12.04 -27.79
N GLY A 256 21.20 12.00 -29.12
CA GLY A 256 20.92 10.77 -29.83
C GLY A 256 21.98 9.72 -29.59
N PHE A 257 23.23 10.15 -29.57
CA PHE A 257 24.36 9.30 -29.27
C PHE A 257 24.31 8.80 -27.82
N LEU A 258 24.03 9.69 -26.87
CA LEU A 258 23.92 9.28 -25.47
C LEU A 258 22.75 8.32 -25.28
N GLU A 259 21.67 8.56 -26.02
CA GLU A 259 20.47 7.74 -25.95
C GLU A 259 20.72 6.30 -26.45
N ARG A 260 21.49 6.14 -27.53
CA ARG A 260 21.87 4.79 -27.98
C ARG A 260 22.76 4.09 -26.94
N LEU A 261 23.62 4.87 -26.28
CA LEU A 261 24.49 4.36 -25.24
C LEU A 261 23.69 3.85 -24.05
N ARG A 262 22.70 4.65 -23.64
CA ARG A 262 21.85 4.33 -22.51
C ARG A 262 21.18 2.97 -22.65
N ARG A 263 20.85 2.60 -23.90
CA ARG A 263 20.08 1.39 -24.19
C ARG A 263 20.92 0.28 -24.77
N SER A 264 22.23 0.42 -24.65
CA SER A 264 23.14 -0.55 -25.25
C SER A 264 23.95 -1.26 -24.18
N PRO A 265 24.10 -2.60 -24.31
CA PRO A 265 24.91 -3.39 -23.38
C PRO A 265 26.38 -3.02 -23.37
N VAL A 266 26.83 -2.23 -24.35
CA VAL A 266 28.23 -1.84 -24.40
C VAL A 266 28.58 -0.97 -23.18
N GLN A 267 27.56 -0.41 -22.55
CA GLN A 267 27.77 0.41 -21.37
C GLN A 267 28.45 -0.36 -20.23
N ARG A 268 28.31 -1.68 -20.23
CA ARG A 268 28.92 -2.54 -19.20
C ARG A 268 30.46 -2.41 -19.18
N LEU A 269 31.03 -1.99 -20.30
CA LEU A 269 32.46 -1.77 -20.40
C LEU A 269 32.86 -0.42 -19.82
N LEU A 270 31.87 0.37 -19.40
CA LEU A 270 32.15 1.75 -19.01
C LEU A 270 31.59 2.07 -17.65
N SER A 271 30.73 1.18 -17.14
CA SER A 271 29.95 1.49 -15.95
C SER A 271 30.79 1.66 -14.69
N ARG A 272 31.86 0.87 -14.55
CA ARG A 272 32.65 0.96 -13.33
C ARG A 272 33.36 2.30 -13.29
N GLY A 273 33.82 2.77 -14.44
CA GLY A 273 34.36 4.12 -14.57
C GLY A 273 33.34 5.21 -14.35
N VAL A 274 32.22 5.14 -15.06
CA VAL A 274 31.21 6.18 -14.90
C VAL A 274 30.64 6.20 -13.47
N TYR A 275 30.42 5.03 -12.89
CA TYR A 275 29.81 4.97 -11.56
C TYR A 275 30.79 4.51 -10.47
N GLU A 276 32.06 4.86 -10.62
CA GLU A 276 33.09 4.50 -9.63
C GLU A 276 32.66 4.73 -8.19
N GLU A 277 32.09 5.89 -7.90
CA GLU A 277 31.72 6.21 -6.53
C GLU A 277 30.70 5.21 -5.99
N GLU A 278 29.69 4.92 -6.80
CA GLU A 278 28.66 3.95 -6.42
C GLU A 278 29.21 2.52 -6.25
N TYR A 279 29.99 2.06 -7.22
CA TYR A 279 30.68 0.77 -7.08
C TYR A 279 31.55 0.71 -5.82
N TYR A 280 32.35 1.75 -5.60
CA TYR A 280 33.24 1.78 -4.45
C TYR A 280 32.45 1.79 -3.13
N GLU A 281 31.41 2.61 -3.03
CA GLU A 281 30.61 2.63 -1.82
C GLU A 281 29.98 1.27 -1.52
N SER A 282 29.50 0.59 -2.56
CA SER A 282 28.95 -0.76 -2.34
C SER A 282 30.03 -1.67 -1.79
N LEU A 283 31.25 -1.54 -2.31
CA LEU A 283 32.33 -2.41 -1.82
C LEU A 283 32.71 -2.08 -0.37
N GLU A 285 30.53 -1.32 2.01
CA GLU A 285 29.54 -2.11 2.77
C GLU A 285 29.97 -3.60 2.82
N CYS A 286 30.44 -4.13 1.70
CA CYS A 286 31.02 -5.48 1.67
C CYS A 286 32.16 -5.62 2.66
N GLN A 288 32.58 -3.68 5.32
CA GLN A 288 31.97 -3.57 6.64
C GLN A 288 31.26 -4.87 6.99
N CYS A 295 36.09 -10.59 -0.38
CA CYS A 295 35.82 -9.15 -0.23
C CYS A 295 37.05 -8.29 -0.49
N VAL A 296 38.17 -8.64 0.12
CA VAL A 296 39.44 -7.99 -0.24
C VAL A 296 39.77 -8.24 -1.71
N GLU A 297 39.44 -9.43 -2.24
CA GLU A 297 39.72 -9.70 -3.64
C GLU A 297 38.80 -8.89 -4.57
N LEU A 298 37.54 -8.72 -4.19
CA LEU A 298 36.62 -7.90 -4.96
C LEU A 298 37.07 -6.44 -5.01
N LEU A 299 37.58 -5.95 -3.88
CA LEU A 299 38.04 -4.57 -3.82
C LEU A 299 39.30 -4.38 -4.66
N LYS A 300 40.25 -5.31 -4.53
CA LYS A 300 41.48 -5.20 -5.30
C LYS A 300 41.17 -5.25 -6.79
N SER A 301 40.15 -6.02 -7.15
CA SER A 301 39.74 -6.17 -8.54
C SER A 301 39.23 -4.83 -9.07
N HIS A 302 38.43 -4.16 -8.26
CA HIS A 302 37.90 -2.83 -8.62
C HIS A 302 39.03 -1.81 -8.77
N GLU A 303 39.86 -1.77 -7.74
CA GLU A 303 41.04 -0.92 -7.67
C GLU A 303 41.92 -1.06 -8.91
N THR A 304 42.19 -2.30 -9.30
CA THR A 304 42.96 -2.58 -10.51
C THR A 304 42.28 -2.13 -11.81
N HIS A 305 40.97 -2.38 -11.92
CA HIS A 305 40.21 -1.99 -13.09
C HIS A 305 40.19 -0.46 -13.25
N VAL A 306 39.96 0.24 -12.15
CA VAL A 306 39.92 1.70 -12.15
C VAL A 306 41.24 2.30 -12.62
N GLU A 307 42.35 1.68 -12.21
CA GLU A 307 43.67 2.20 -12.59
C GLU A 307 43.98 1.87 -14.06
N ASN A 308 43.60 0.67 -14.52
CA ASN A 308 43.70 0.30 -15.94
C ASN A 308 42.95 1.27 -16.85
N VAL A 309 41.76 1.67 -16.43
CA VAL A 309 41.03 2.68 -17.17
C VAL A 309 41.82 3.97 -17.20
N LYS A 310 42.32 4.41 -16.05
CA LYS A 310 43.05 5.70 -15.99
C LYS A 310 44.32 5.70 -16.83
N ARG A 311 44.97 4.54 -16.96
CA ARG A 311 46.13 4.40 -17.84
C ARG A 311 45.77 4.38 -19.33
N ASN A 312 44.52 4.05 -19.64
CA ASN A 312 44.03 4.09 -21.02
C ASN A 312 43.51 5.49 -21.34
N GLY A 313 44.42 6.40 -21.66
CA GLY A 313 44.08 7.80 -21.85
C GLY A 313 42.78 8.13 -22.59
N PRO A 314 42.62 7.63 -23.83
CA PRO A 314 41.40 7.92 -24.61
C PRO A 314 40.13 7.39 -23.95
N LEU A 315 40.17 6.16 -23.48
CA LEU A 315 39.04 5.61 -22.73
C LEU A 315 38.69 6.49 -21.53
N TYR A 316 39.71 6.92 -20.77
CA TYR A 316 39.49 7.77 -19.60
C TYR A 316 38.85 9.11 -19.93
N GLY A 317 39.36 9.80 -20.95
CA GLY A 317 38.74 11.06 -21.40
C GLY A 317 37.27 10.85 -21.76
N PHE A 318 36.97 9.72 -22.40
CA PHE A 318 35.62 9.40 -22.78
C PHE A 318 34.76 9.19 -21.53
N ILE A 319 35.25 8.38 -20.59
CA ILE A 319 34.55 8.14 -19.32
C ILE A 319 34.24 9.44 -18.58
N GLN A 320 35.22 10.34 -18.54
CA GLN A 320 35.06 11.62 -17.85
C GLN A 320 34.00 12.52 -18.49
N ARG A 321 33.91 12.49 -19.82
CA ARG A 321 32.85 13.21 -20.53
C ARG A 321 31.48 12.62 -20.20
N LEU A 322 31.41 11.30 -20.08
CA LEU A 322 30.16 10.66 -19.67
C LEU A 322 29.83 11.04 -18.25
N ARG A 323 30.83 11.11 -17.38
CA ARG A 323 30.59 11.49 -16.00
C ARG A 323 30.08 12.93 -15.92
N ASP A 324 30.59 13.78 -16.81
CA ASP A 324 30.11 15.16 -16.92
C ASP A 324 28.63 15.26 -17.35
N VAL A 325 28.23 14.42 -18.30
CA VAL A 325 26.83 14.34 -18.72
C VAL A 325 25.94 13.93 -17.55
N ARG A 326 26.41 12.95 -16.80
CA ARG A 326 25.71 12.48 -15.62
C ARG A 326 25.51 13.60 -14.59
N ALA A 327 26.58 14.34 -14.31
CA ALA A 327 26.54 15.44 -13.36
C ALA A 327 25.59 16.55 -13.82
N ASN A 329 22.80 16.00 -15.57
CA ASN A 329 21.45 15.48 -15.33
C ASN A 329 21.20 15.34 -13.83
N ASN B 3 -19.14 15.84 -20.07
CA ASN B 3 -19.82 16.00 -18.80
C ASN B 3 -19.82 14.72 -18.02
N LYS B 4 -19.15 13.68 -18.48
CA LYS B 4 -18.71 12.75 -17.45
C LYS B 4 -17.24 12.86 -17.02
N PHE B 5 -16.82 12.03 -16.06
CA PHE B 5 -15.40 11.85 -15.84
C PHE B 5 -14.80 11.32 -17.14
N PRO B 6 -13.74 11.99 -17.64
CA PRO B 6 -13.19 11.69 -18.97
C PRO B 6 -12.73 10.24 -19.15
N GLY B 7 -12.36 9.57 -18.05
CA GLY B 7 -12.10 8.14 -18.11
C GLY B 7 -10.65 7.71 -18.22
N VAL B 8 -9.73 8.65 -18.01
CA VAL B 8 -8.31 8.30 -18.06
C VAL B 8 -7.69 8.58 -16.70
N TYR B 9 -7.07 7.56 -16.13
CA TYR B 9 -6.53 7.63 -14.78
C TYR B 9 -5.01 7.71 -14.81
N LYS B 10 -4.43 8.52 -13.92
CA LYS B 10 -2.99 8.75 -13.90
C LYS B 10 -2.21 7.46 -13.58
N GLU B 11 -2.90 6.43 -13.12
CA GLU B 11 -2.26 5.23 -12.60
C GLU B 11 -3.09 4.00 -12.92
N SER B 12 -2.44 2.90 -13.32
CA SER B 12 -3.20 1.71 -13.70
C SER B 12 -3.67 1.01 -12.43
N PHE B 13 -4.80 0.31 -12.49
CA PHE B 13 -5.37 -0.27 -11.28
C PHE B 13 -6.32 -1.41 -11.58
N THR B 14 -6.57 -2.23 -10.56
CA THR B 14 -7.54 -3.31 -10.65
C THR B 14 -8.70 -3.04 -9.70
N ARG B 15 -9.92 -3.02 -10.20
CA ARG B 15 -11.07 -2.91 -9.32
C ARG B 15 -11.27 -4.25 -8.61
N ASP B 16 -10.63 -4.44 -7.46
CA ASP B 16 -10.44 -5.79 -6.89
C ASP B 16 -11.34 -6.13 -5.69
N TYR B 17 -12.55 -6.60 -5.96
CA TYR B 17 -13.50 -7.00 -4.92
C TYR B 17 -13.04 -8.07 -3.93
N GLU B 18 -12.29 -9.06 -4.41
CA GLU B 18 -11.78 -10.13 -3.54
C GLU B 18 -10.81 -9.58 -2.50
N ARG B 19 -9.97 -8.65 -2.94
CA ARG B 19 -9.07 -7.96 -2.02
C ARG B 19 -9.85 -7.30 -0.90
N LEU B 20 -10.88 -6.55 -1.28
CA LEU B 20 -11.70 -5.80 -0.33
C LEU B 20 -12.38 -6.78 0.63
N HIS B 21 -12.95 -7.83 0.06
CA HIS B 21 -13.56 -8.89 0.84
C HIS B 21 -12.58 -9.52 1.84
N ASN B 22 -11.38 -9.86 1.38
CA ASN B 22 -10.37 -10.45 2.27
C ASN B 22 -9.88 -9.50 3.36
N LYS B 23 -9.73 -8.21 3.05
CA LYS B 23 -9.33 -7.21 4.04
C LYS B 23 -10.28 -7.17 5.23
N ILE B 24 -11.59 -7.30 4.98
CA ILE B 24 -12.58 -7.29 6.04
C ILE B 24 -12.79 -8.69 6.58
N SER B 25 -11.76 -9.21 7.24
CA SER B 25 -11.71 -10.58 7.74
C SER B 25 -12.40 -10.71 9.07
N LYS B 26 -12.55 -11.95 9.54
CA LYS B 26 -13.19 -12.23 10.82
C LYS B 26 -12.44 -11.57 11.97
N GLU B 27 -11.12 -11.53 11.82
CA GLU B 27 -10.24 -10.91 12.79
C GLU B 27 -10.54 -9.43 12.93
N VAL B 28 -10.65 -8.76 11.77
CA VAL B 28 -11.00 -7.35 11.69
C VAL B 28 -12.38 -7.10 12.32
N CYS B 29 -13.33 -7.97 11.99
CA CYS B 29 -14.68 -7.83 12.54
C CYS B 29 -14.72 -8.05 14.04
N ASP B 30 -13.94 -9.00 14.57
CA ASP B 30 -13.94 -9.24 16.01
C ASP B 30 -13.25 -8.09 16.75
N GLN B 31 -12.29 -7.43 16.12
CA GLN B 31 -11.72 -6.27 16.79
C GLN B 31 -12.71 -5.13 16.83
N LEU B 32 -13.47 -4.96 15.74
CA LEU B 32 -14.47 -3.91 15.65
C LEU B 32 -15.52 -4.12 16.73
N ASP B 33 -15.95 -5.36 16.86
CA ASP B 33 -16.97 -5.68 17.85
C ASP B 33 -16.44 -5.54 19.29
N ASP B 34 -15.17 -5.87 19.50
CA ASP B 34 -14.59 -5.88 20.83
C ASP B 34 -14.10 -4.48 21.25
N LYS B 35 -13.21 -3.89 20.44
CA LYS B 35 -12.60 -2.60 20.75
C LYS B 35 -13.47 -1.42 20.36
N GLY B 36 -14.38 -1.62 19.40
CA GLY B 36 -15.26 -0.53 19.00
C GLY B 36 -14.82 0.15 17.70
N TYR B 37 -13.59 -0.13 17.29
CA TYR B 37 -13.02 0.43 16.07
C TYR B 37 -11.99 -0.56 15.53
N VAL B 38 -11.58 -0.36 14.28
CA VAL B 38 -10.47 -1.14 13.72
C VAL B 38 -9.87 -0.38 12.54
N VAL B 39 -8.55 -0.40 12.46
CA VAL B 39 -7.80 0.27 11.41
C VAL B 39 -7.24 -0.74 10.41
N ILE B 40 -7.53 -0.52 9.12
CA ILE B 40 -7.04 -1.39 8.05
C ILE B 40 -6.19 -0.60 7.07
N ASP B 41 -4.93 -0.98 6.93
CA ASP B 41 -4.05 -0.26 6.04
C ASP B 41 -4.08 -0.89 4.66
N ASP B 42 -3.74 -0.10 3.64
CA ASP B 42 -3.66 -0.55 2.26
C ASP B 42 -4.88 -1.41 1.83
N CYS B 43 -6.07 -0.90 2.10
CA CYS B 43 -7.29 -1.66 1.86
C CYS B 43 -7.58 -1.89 0.37
N PHE B 44 -7.57 -0.84 -0.44
CA PHE B 44 -7.95 -0.96 -1.84
C PHE B 44 -6.75 -1.22 -2.77
N GLY B 45 -5.54 -0.91 -2.29
CA GLY B 45 -4.36 -0.85 -3.12
C GLY B 45 -4.22 0.56 -3.66
N HIS B 46 -2.99 0.99 -3.93
CA HIS B 46 -2.74 2.40 -4.22
C HIS B 46 -3.39 2.85 -5.54
N GLY B 47 -3.40 1.99 -6.55
CA GLY B 47 -4.02 2.34 -7.84
C GLY B 47 -5.51 2.63 -7.73
N TRP B 48 -6.23 1.69 -7.10
CA TRP B 48 -7.68 1.80 -6.95
C TRP B 48 -8.07 2.98 -6.04
N ALA B 49 -7.34 3.17 -4.95
CA ALA B 49 -7.56 4.32 -4.07
C ALA B 49 -7.31 5.64 -4.79
N SER B 50 -6.37 5.62 -5.73
CA SER B 50 -5.97 6.82 -6.47
C SER B 50 -6.97 7.14 -7.59
N ALA B 51 -7.56 6.09 -8.17
CA ALA B 51 -8.66 6.24 -9.12
C ALA B 51 -9.88 6.87 -8.48
N LEU B 52 -10.20 6.43 -7.27
CA LEU B 52 -11.35 6.97 -6.52
C LEU B 52 -11.12 8.46 -6.21
N LEU B 53 -9.91 8.78 -5.74
CA LEU B 53 -9.50 10.16 -5.46
C LEU B 53 -9.61 11.05 -6.69
N GLU B 54 -9.07 10.57 -7.81
CA GLU B 54 -9.14 11.30 -9.07
C GLU B 54 -10.59 11.67 -9.40
N GLU B 55 -11.49 10.73 -9.21
CA GLU B 55 -12.89 10.98 -9.54
C GLU B 55 -13.49 11.99 -8.58
N ARG B 57 -11.74 14.50 -7.06
CA ARG B 57 -11.21 15.78 -7.49
C ARG B 57 -12.02 16.31 -8.67
N TRP B 58 -12.35 15.43 -9.60
CA TRP B 58 -13.12 15.85 -10.76
C TRP B 58 -14.51 16.36 -10.37
N LEU B 59 -15.17 15.67 -9.43
CA LEU B 59 -16.47 16.12 -8.93
C LEU B 59 -16.38 17.51 -8.27
N ASN B 60 -15.30 17.73 -7.53
CA ASN B 60 -15.07 19.01 -6.89
C ASN B 60 -14.81 20.14 -7.90
N GLU B 61 -13.97 19.87 -8.89
CA GLU B 61 -13.62 20.83 -9.94
C GLU B 61 -14.82 21.20 -10.81
N ASN B 62 -15.81 20.32 -10.86
CA ASN B 62 -17.01 20.59 -11.61
C ASN B 62 -18.15 20.99 -10.67
N ASP B 63 -17.75 21.61 -9.57
CA ASP B 63 -18.63 22.22 -8.57
C ASP B 63 -19.81 21.36 -8.12
N HIS B 64 -19.58 20.07 -7.88
CA HIS B 64 -20.62 19.20 -7.34
C HIS B 64 -20.54 19.14 -5.81
N PHE B 65 -19.41 19.53 -5.24
CA PHE B 65 -19.32 19.65 -3.79
C PHE B 65 -20.08 20.89 -3.34
N LYS B 66 -20.87 20.75 -2.28
CA LYS B 66 -21.64 21.85 -1.75
C LYS B 66 -21.34 22.07 -0.30
N PRO B 67 -21.23 23.31 0.15
CA PRO B 67 -21.00 23.60 1.58
C PRO B 67 -22.13 23.06 2.46
N ILE B 93 -16.10 20.82 5.57
CA ILE B 93 -16.22 21.93 4.65
C ILE B 93 -17.07 21.63 3.40
N PHE B 94 -16.65 20.87 2.39
CA PHE B 94 -17.63 20.69 1.32
C PHE B 94 -17.99 19.20 1.13
N GLU B 95 -19.23 18.95 0.75
CA GLU B 95 -19.73 17.58 0.73
C GLU B 95 -20.58 17.26 -0.47
N VAL B 96 -20.66 15.98 -0.79
CA VAL B 96 -21.64 15.51 -1.75
C VAL B 96 -22.06 14.07 -1.39
N ASP B 97 -23.36 13.84 -1.41
CA ASP B 97 -23.93 12.52 -1.19
C ASP B 97 -24.09 11.85 -2.55
N LEU B 98 -23.82 10.56 -2.64
CA LEU B 98 -23.89 9.90 -3.95
C LEU B 98 -25.13 9.02 -4.09
N HIS B 99 -26.20 9.41 -3.40
CA HIS B 99 -27.48 8.70 -3.48
C HIS B 99 -28.10 8.79 -4.88
N ASP B 100 -27.83 9.90 -5.56
CA ASP B 100 -28.41 10.11 -6.90
C ASP B 100 -27.59 9.44 -7.98
N ALA B 101 -28.23 8.56 -8.74
CA ALA B 101 -27.59 7.80 -9.81
C ALA B 101 -27.20 8.67 -11.01
N ALA B 102 -27.85 9.82 -11.15
CA ALA B 102 -27.53 10.70 -12.26
C ALA B 102 -26.14 11.24 -12.03
N LEU B 103 -25.85 11.60 -10.78
CA LEU B 103 -24.50 12.03 -10.40
C LEU B 103 -23.50 10.87 -10.50
N ARG B 104 -23.90 9.71 -9.96
CA ARG B 104 -23.02 8.55 -9.84
C ARG B 104 -22.56 7.99 -11.17
N THR B 105 -23.43 8.06 -12.18
CA THR B 105 -23.07 7.64 -13.53
C THR B 105 -21.96 8.49 -14.17
N LYS B 106 -21.64 9.64 -13.59
CA LYS B 106 -20.50 10.41 -14.07
C LYS B 106 -19.17 9.88 -13.53
N VAL B 107 -19.22 9.03 -12.50
CA VAL B 107 -18.00 8.61 -11.81
C VAL B 107 -17.97 7.10 -11.57
N PRO B 108 -17.55 6.34 -12.59
CA PRO B 108 -17.68 4.89 -12.63
C PRO B 108 -17.06 4.12 -11.45
N GLU B 109 -15.87 4.48 -10.99
CA GLU B 109 -15.30 3.76 -9.85
C GLU B 109 -16.05 4.09 -8.58
N LEU B 110 -16.47 5.34 -8.44
CA LEU B 110 -17.29 5.70 -7.30
C LEU B 110 -18.64 5.00 -7.38
N ASP B 111 -19.17 4.87 -8.59
CA ASP B 111 -20.47 4.20 -8.76
C ASP B 111 -20.32 2.74 -8.34
N ALA B 112 -19.26 2.10 -8.82
CA ALA B 112 -19.02 0.70 -8.50
C ALA B 112 -18.74 0.48 -7.02
N LEU B 113 -18.20 1.49 -6.35
CA LEU B 113 -17.97 1.32 -4.92
C LEU B 113 -19.32 1.43 -4.21
N PHE B 114 -20.17 2.34 -4.67
CA PHE B 114 -21.51 2.48 -4.11
C PHE B 114 -22.27 1.17 -4.16
N HIS B 115 -22.15 0.45 -5.27
CA HIS B 115 -22.92 -0.75 -5.51
C HIS B 115 -22.27 -2.00 -4.93
N SER B 116 -21.01 -1.88 -4.56
CA SER B 116 -20.28 -3.00 -3.97
C SER B 116 -20.90 -3.43 -2.64
N THR B 117 -21.01 -4.74 -2.42
CA THR B 117 -21.55 -5.26 -1.17
C THR B 117 -20.56 -6.09 -0.35
N GLU B 118 -19.27 -6.02 -0.71
CA GLU B 118 -18.24 -6.75 0.01
C GLU B 118 -18.23 -6.38 1.48
N LEU B 119 -18.34 -5.10 1.78
CA LEU B 119 -18.39 -4.66 3.16
C LEU B 119 -19.61 -5.23 3.87
N LEU B 120 -20.78 -5.08 3.25
CA LEU B 120 -22.00 -5.60 3.85
C LEU B 120 -21.91 -7.12 4.07
N GLN B 121 -21.37 -7.86 3.10
CA GLN B 121 -21.33 -9.30 3.18
C GLN B 121 -20.46 -9.77 4.34
N ALA B 122 -19.26 -9.19 4.46
CA ALA B 122 -18.35 -9.56 5.53
C ALA B 122 -18.93 -9.24 6.92
N LEU B 123 -19.42 -8.03 7.10
CA LEU B 123 -19.99 -7.66 8.40
C LEU B 123 -21.20 -8.54 8.72
N THR B 124 -22.04 -8.78 7.72
CA THR B 124 -23.20 -9.61 7.93
C THR B 124 -22.83 -11.06 8.23
N THR B 125 -21.73 -11.54 7.65
CA THR B 125 -21.27 -12.90 7.91
C THR B 125 -20.68 -13.05 9.31
N HIS B 126 -19.77 -12.15 9.68
CA HIS B 126 -19.07 -12.27 10.95
C HIS B 126 -19.82 -11.65 12.12
N LEU B 127 -20.59 -10.61 11.85
CA LEU B 127 -21.32 -9.92 12.90
C LEU B 127 -22.82 -9.83 12.60
N PRO B 128 -23.52 -10.97 12.50
CA PRO B 128 -24.93 -10.98 12.09
C PRO B 128 -25.83 -10.27 13.09
N GLN B 129 -25.37 -10.13 14.33
CA GLN B 129 -26.21 -9.49 15.34
C GLN B 129 -26.45 -8.01 15.04
N TYR B 130 -25.64 -7.40 14.18
CA TYR B 130 -25.83 -5.97 13.88
C TYR B 130 -27.05 -5.74 12.99
N ASP B 131 -27.47 -6.78 12.29
CA ASP B 131 -28.67 -6.72 11.45
C ASP B 131 -28.57 -5.60 10.41
N LEU B 132 -27.46 -5.57 9.68
CA LEU B 132 -27.22 -4.52 8.71
C LEU B 132 -28.10 -4.77 7.48
N GLN B 133 -28.31 -3.75 6.68
CA GLN B 133 -29.29 -3.81 5.62
C GLN B 133 -28.66 -3.60 4.25
N PHE B 134 -29.08 -4.41 3.28
CA PHE B 134 -28.56 -4.32 1.93
C PHE B 134 -29.26 -3.29 1.06
N SER B 135 -30.43 -2.84 1.48
CA SER B 135 -31.22 -1.96 0.63
C SER B 135 -30.45 -0.66 0.44
N THR B 136 -30.50 -0.12 -0.77
CA THR B 136 -29.71 1.08 -1.08
C THR B 136 -30.12 2.28 -0.25
N SER B 137 -31.33 2.22 0.30
CA SER B 137 -31.80 3.31 1.15
C SER B 137 -31.17 3.25 2.55
N ASP B 138 -30.63 2.09 2.92
CA ASP B 138 -30.04 1.90 4.24
C ASP B 138 -28.49 2.00 4.23
N ARG B 139 -27.95 2.59 3.15
CA ARG B 139 -26.54 2.92 3.09
C ARG B 139 -26.42 4.38 2.65
N THR B 140 -25.35 5.02 3.08
CA THR B 140 -25.03 6.38 2.69
C THR B 140 -23.58 6.39 2.28
N LEU B 141 -23.29 6.94 1.10
CA LEU B 141 -21.92 7.17 0.69
C LEU B 141 -21.72 8.67 0.54
N LYS B 142 -20.85 9.21 1.39
CA LYS B 142 -20.62 10.65 1.43
C LYS B 142 -19.15 11.02 1.14
N LEU B 143 -18.97 11.97 0.23
CA LEU B 143 -17.65 12.51 -0.08
C LEU B 143 -17.46 13.85 0.62
N GLN B 144 -16.26 14.06 1.16
CA GLN B 144 -16.00 15.28 1.91
C GLN B 144 -14.62 15.86 1.60
N ARG B 145 -14.59 17.15 1.29
CA ARG B 145 -13.34 17.89 1.11
C ARG B 145 -13.19 18.96 2.19
N ASN B 146 -12.07 18.93 2.90
CA ASN B 146 -11.70 19.97 3.86
C ASN B 146 -10.51 20.77 3.31
N ALA B 147 -10.73 22.06 3.08
CA ALA B 147 -9.77 22.89 2.34
C ALA B 147 -8.42 23.10 3.04
N GLY B 148 -8.44 22.96 4.35
CA GLY B 148 -7.36 23.21 5.30
C GLY B 148 -8.25 24.06 6.19
N HIS B 149 -7.92 25.32 6.36
CA HIS B 149 -8.86 26.15 7.07
C HIS B 149 -9.15 26.09 8.57
N GLY B 150 -8.81 25.02 9.26
CA GLY B 150 -9.24 24.92 10.64
C GLY B 150 -10.76 24.76 10.59
N GLY B 151 -11.46 25.22 11.62
CA GLY B 151 -12.92 25.12 11.63
C GLY B 151 -13.49 24.41 12.84
N CYS B 152 -14.72 23.90 12.71
CA CYS B 152 -15.50 23.40 13.85
C CYS B 152 -15.78 21.89 13.85
N PHE B 153 -15.09 21.14 14.70
CA PHE B 153 -15.23 19.68 14.78
C PHE B 153 -15.56 19.20 16.20
N PRO B 154 -16.85 19.25 16.56
CA PRO B 154 -17.31 18.83 17.90
C PRO B 154 -17.10 17.34 18.18
N CYS B 155 -16.98 17.00 19.47
CA CYS B 155 -16.99 15.60 19.88
C CYS B 155 -18.40 15.11 19.63
N HIS B 156 -18.52 13.91 19.10
CA HIS B 156 -19.82 13.42 18.66
C HIS B 156 -19.82 11.90 18.49
N TYR B 157 -21.02 11.35 18.46
CA TYR B 157 -21.25 9.97 18.04
C TYR B 157 -21.91 10.11 16.68
N ASP B 158 -21.56 9.26 15.73
CA ASP B 158 -22.20 9.37 14.41
C ASP B 158 -23.69 9.07 14.45
N ASN B 159 -24.09 8.31 15.46
CA ASN B 159 -25.48 8.06 15.75
C ASN B 159 -25.71 8.58 17.16
N PRO B 160 -26.19 9.83 17.27
CA PRO B 160 -26.47 10.46 18.58
C PRO B 160 -27.73 9.96 19.24
N GLY B 161 -28.58 9.25 18.51
CA GLY B 161 -29.85 8.78 19.04
C GLY B 161 -30.94 8.79 17.99
N ALA B 162 -32.13 8.95 18.52
CA ALA B 162 -33.39 9.39 17.86
C ALA B 162 -33.75 8.95 16.53
N PRO B 163 -34.17 9.62 15.52
CA PRO B 163 -34.51 8.77 14.34
C PRO B 163 -33.40 7.90 13.57
N ASN B 164 -32.20 8.28 13.79
CA ASN B 164 -30.83 7.84 13.34
C ASN B 164 -30.57 6.41 13.29
N LYS B 165 -30.16 5.99 12.13
CA LYS B 165 -30.12 4.54 11.91
C LYS B 165 -28.72 3.93 11.76
N ARG B 166 -27.69 4.76 11.84
CA ARG B 166 -26.34 4.31 11.57
C ARG B 166 -25.82 3.34 12.61
N LYS B 167 -25.16 2.29 12.14
CA LYS B 167 -24.62 1.28 13.01
C LYS B 167 -23.09 1.16 12.84
N VAL B 168 -22.62 1.05 11.60
CA VAL B 168 -21.17 1.05 11.32
C VAL B 168 -20.74 2.26 10.50
N THR B 169 -19.69 2.93 10.97
CA THR B 169 -19.05 3.99 10.19
C THR B 169 -17.84 3.46 9.46
N CYS B 170 -17.71 3.79 8.17
CA CYS B 170 -16.60 3.32 7.39
C CYS B 170 -15.92 4.49 6.71
N LEU B 171 -14.70 4.79 7.15
CA LEU B 171 -13.96 5.95 6.66
C LEU B 171 -12.81 5.50 5.77
N LEU B 172 -12.80 5.96 4.52
CA LEU B 172 -11.66 5.74 3.65
C LEU B 172 -10.86 7.03 3.47
N TYR B 173 -9.60 7.03 3.90
CA TYR B 173 -8.77 8.22 3.77
C TYR B 173 -7.93 8.21 2.49
N LEU B 174 -7.85 9.37 1.85
CA LEU B 174 -7.23 9.51 0.54
C LEU B 174 -6.22 10.65 0.46
N ASN B 175 -5.30 10.73 1.42
CA ASN B 175 -4.36 11.84 1.46
C ASN B 175 -2.95 11.36 1.15
N GLU B 176 -2.55 11.55 -0.12
CA GLU B 176 -1.34 10.96 -0.71
C GLU B 176 -0.08 10.94 0.17
N GLY B 177 0.45 12.12 0.49
CA GLY B 177 1.72 12.14 1.19
C GLY B 177 1.61 12.69 2.60
N TRP B 178 0.63 12.22 3.36
CA TRP B 178 0.38 12.74 4.70
C TRP B 178 1.59 12.56 5.59
N LYS B 179 1.93 13.61 6.34
CA LYS B 179 3.05 13.57 7.28
C LYS B 179 2.62 14.20 8.59
N GLU B 180 3.35 13.88 9.66
CA GLU B 180 3.12 14.50 10.96
C GLU B 180 3.06 16.03 10.81
N GLY B 181 1.96 16.62 11.27
CA GLY B 181 1.78 18.05 11.18
C GLY B 181 0.70 18.46 10.22
N ASP B 182 0.36 17.56 9.29
CA ASP B 182 -0.72 17.83 8.33
C ASP B 182 -2.07 17.87 9.04
N GLY B 183 -2.15 17.20 10.18
CA GLY B 183 -3.35 17.19 10.99
C GLY B 183 -4.43 16.37 10.34
N GLY B 184 -5.68 16.68 10.66
CA GLY B 184 -6.82 15.96 10.14
C GLY B 184 -7.00 14.55 10.67
N GLU B 185 -6.29 14.18 11.74
CA GLU B 185 -6.52 12.88 12.37
C GLU B 185 -7.94 12.74 12.84
N VAL B 186 -8.39 11.48 12.97
CA VAL B 186 -9.59 11.20 13.70
C VAL B 186 -9.14 10.71 15.07
N GLN B 187 -9.64 11.35 16.12
CA GLN B 187 -9.33 10.93 17.48
C GLN B 187 -10.47 10.11 18.03
N LEU B 188 -10.18 8.88 18.42
CA LEU B 188 -11.19 8.00 18.96
C LEU B 188 -11.11 8.01 20.45
N PHE B 189 -12.27 7.95 21.11
CA PHE B 189 -12.33 7.89 22.56
C PHE B 189 -13.06 6.64 23.06
N PRO B 190 -12.45 5.45 22.89
CA PRO B 190 -13.02 4.24 23.48
C PRO B 190 -13.36 4.52 24.96
N PHE B 191 -14.61 4.33 25.35
CA PHE B 191 -15.15 4.96 26.55
C PHE B 191 -14.36 4.56 27.80
N LEU B 192 -13.75 5.56 28.43
CA LEU B 192 -12.96 5.45 29.67
C LEU B 192 -11.54 4.91 29.44
N GLN B 193 -11.18 4.63 28.20
CA GLN B 193 -9.84 4.14 27.87
C GLN B 193 -8.94 5.26 27.39
N GLN B 194 -7.71 4.89 27.04
CA GLN B 194 -6.79 5.83 26.42
C GLN B 194 -7.28 6.20 25.02
N PRO B 195 -7.27 7.50 24.70
CA PRO B 195 -7.72 7.95 23.38
C PRO B 195 -6.84 7.35 22.30
N VAL B 196 -7.37 7.27 21.10
CA VAL B 196 -6.64 6.69 19.98
C VAL B 196 -6.64 7.67 18.80
N THR B 197 -5.45 8.06 18.35
CA THR B 197 -5.36 9.03 17.28
C THR B 197 -4.90 8.32 16.01
N VAL B 198 -5.67 8.50 14.94
CA VAL B 198 -5.45 7.74 13.72
C VAL B 198 -5.15 8.67 12.56
N ALA B 199 -3.98 8.51 11.95
CA ALA B 199 -3.57 9.41 10.89
C ALA B 199 -4.39 9.11 9.63
N PRO B 200 -4.81 10.14 8.91
CA PRO B 200 -5.69 9.93 7.76
C PRO B 200 -4.90 9.55 6.51
N LYS B 201 -4.12 8.50 6.60
CA LYS B 201 -3.25 8.08 5.51
C LYS B 201 -3.99 7.55 4.28
N ASP B 203 -5.34 5.38 1.46
CA ASP B 203 -5.75 3.98 1.34
C ASP B 203 -5.94 3.31 2.71
N ARG B 204 -6.13 4.10 3.75
CA ARG B 204 -6.42 3.56 5.06
C ARG B 204 -7.92 3.58 5.34
N VAL B 205 -8.44 2.49 5.88
CA VAL B 205 -9.83 2.39 6.23
C VAL B 205 -9.96 2.32 7.75
N VAL B 206 -10.93 3.06 8.30
CA VAL B 206 -11.25 2.94 9.72
C VAL B 206 -12.71 2.55 9.84
N LEU B 207 -12.98 1.44 10.51
CA LEU B 207 -14.36 1.10 10.85
C LEU B 207 -14.57 1.37 12.31
N PHE B 208 -15.72 1.94 12.68
CA PHE B 208 -16.06 2.02 14.09
C PHE B 208 -17.57 2.00 14.32
N GLN B 209 -17.96 1.85 15.59
CA GLN B 209 -19.36 1.75 16.00
C GLN B 209 -20.01 3.12 15.97
N SER B 210 -20.97 3.32 15.08
CA SER B 210 -21.63 4.62 14.99
C SER B 210 -22.33 4.99 16.30
N ASP B 211 -22.88 4.01 17.01
CA ASP B 211 -23.70 4.32 18.18
C ASP B 211 -22.98 4.18 19.51
N TRP B 212 -21.72 3.76 19.52
CA TRP B 212 -20.98 3.86 20.78
C TRP B 212 -19.49 4.13 20.68
N LEU B 214 -17.28 7.42 20.55
CA LEU B 214 -17.15 8.87 20.62
C LEU B 214 -15.90 9.29 19.84
N HIS B 215 -16.00 10.39 19.11
CA HIS B 215 -14.83 10.79 18.35
C HIS B 215 -14.91 12.23 17.92
N ARG B 216 -13.80 12.71 17.39
CA ARG B 216 -13.72 14.05 16.83
C ARG B 216 -12.63 14.02 15.76
N VAL B 217 -12.71 14.96 14.84
CA VAL B 217 -11.68 15.18 13.84
C VAL B 217 -10.78 16.33 14.30
N LEU B 218 -9.46 16.14 14.29
CA LEU B 218 -8.53 17.19 14.65
C LEU B 218 -8.35 18.15 13.47
N PRO B 219 -8.02 19.42 13.77
CA PRO B 219 -7.73 20.45 12.76
C PRO B 219 -6.75 19.96 11.70
N SER B 220 -7.07 20.27 10.45
CA SER B 220 -6.20 19.96 9.34
C SER B 220 -5.49 21.23 8.88
N HIS B 221 -4.26 21.06 8.40
CA HIS B 221 -3.49 22.19 7.91
C HIS B 221 -3.31 22.10 6.40
N ALA B 222 -3.69 20.95 5.85
CA ALA B 222 -3.61 20.70 4.42
C ALA B 222 -4.99 20.34 3.88
N GLU B 223 -5.08 20.22 2.57
CA GLU B 223 -6.31 19.78 1.93
C GLU B 223 -6.55 18.30 2.24
N ARG B 224 -7.78 17.98 2.65
CA ARG B 224 -8.11 16.67 3.17
C ARG B 224 -9.37 16.10 2.51
N TYR B 225 -9.22 14.99 1.81
CA TYR B 225 -10.37 14.25 1.28
C TYR B 225 -10.65 13.02 2.12
N VAL B 226 -11.94 12.77 2.37
CA VAL B 226 -12.35 11.55 3.06
C VAL B 226 -13.64 10.99 2.45
N LEU B 227 -13.66 9.69 2.19
CA LEU B 227 -14.88 9.05 1.73
C LEU B 227 -15.53 8.34 2.92
N THR B 228 -16.81 8.60 3.16
CA THR B 228 -17.51 7.97 4.27
C THR B 228 -18.66 7.08 3.83
N ILE B 229 -18.68 5.83 4.32
CA ILE B 229 -19.83 4.97 4.16
C ILE B 229 -20.48 4.64 5.50
N TRP B 230 -21.78 4.89 5.61
CA TRP B 230 -22.50 4.46 6.80
C TRP B 230 -23.42 3.32 6.45
N LEU B 231 -23.40 2.30 7.31
CA LEU B 231 -24.31 1.15 7.19
C LEU B 231 -25.33 1.20 8.32
N ASP B 232 -26.61 1.23 7.95
CA ASP B 232 -27.68 1.28 8.95
C ASP B 232 -27.94 -0.10 9.57
N GLY B 233 -28.33 -0.12 10.83
CA GLY B 233 -28.68 -1.36 11.53
C GLY B 233 -30.15 -1.28 11.93
N ALA B 234 -30.86 -2.40 11.86
CA ALA B 234 -32.31 -2.37 12.08
C ALA B 234 -32.70 -2.34 13.56
N LYS B 235 -31.75 -2.55 14.44
CA LYS B 235 -32.03 -2.61 15.88
C LYS B 235 -31.35 -1.50 16.67
N VAL B 236 -30.91 -0.44 15.99
CA VAL B 236 -30.18 0.61 16.68
C VAL B 236 -31.13 1.45 17.50
N ASN B 237 -30.60 2.05 18.56
CA ASN B 237 -31.38 2.83 19.51
C ASN B 237 -32.55 2.03 20.11
N ALA B 238 -32.31 0.75 20.35
CA ALA B 238 -33.24 -0.14 21.04
C ALA B 238 -33.47 0.28 22.51
N PRO B 239 -34.53 -0.27 23.16
CA PRO B 239 -34.75 0.05 24.59
C PRO B 239 -33.59 -0.42 25.48
N GLU B 240 -33.09 -1.64 25.27
CA GLU B 240 -31.97 -2.12 26.09
C GLU B 240 -30.72 -1.24 25.92
N ASP B 241 -30.62 -0.52 24.81
CA ASP B 241 -29.50 0.38 24.56
C ASP B 241 -29.58 1.65 25.42
N ALA B 242 -30.75 1.95 25.98
CA ALA B 242 -30.91 3.18 26.74
C ALA B 242 -31.04 2.91 28.25
N GLN B 243 -30.32 1.90 28.72
CA GLN B 243 -30.31 1.56 30.14
C GLN B 243 -29.04 0.81 30.52
N LEU B 244 -28.73 0.81 31.82
CA LEU B 244 -27.59 0.10 32.36
C LEU B 244 -28.03 -0.95 33.38
N ARG B 245 -27.37 -2.10 33.40
CA ARG B 245 -27.62 -3.12 34.40
C ARG B 245 -26.56 -3.03 35.49
N LEU B 246 -26.99 -3.08 36.74
CA LEU B 246 -26.10 -3.33 37.87
C LEU B 246 -26.43 -4.67 38.51
N THR B 247 -25.47 -5.59 38.52
CA THR B 247 -25.74 -6.96 38.94
C THR B 247 -24.95 -7.28 40.18
N GLN B 248 -25.31 -8.37 40.85
CA GLN B 248 -24.62 -8.79 42.06
C GLN B 248 -23.14 -9.05 41.80
N SER B 249 -22.84 -9.67 40.66
CA SER B 249 -21.46 -9.94 40.22
C SER B 249 -20.59 -8.69 40.10
N ASP B 250 -21.21 -7.56 39.76
CA ASP B 250 -20.46 -6.31 39.60
C ASP B 250 -19.86 -5.83 40.93
N LEU B 251 -20.51 -6.18 42.05
CA LEU B 251 -20.06 -5.76 43.36
C LEU B 251 -18.64 -6.24 43.67
N ALA B 252 -18.27 -7.38 43.10
CA ALA B 252 -16.94 -7.95 43.31
C ALA B 252 -16.03 -7.71 42.10
N ASP B 253 -16.59 -7.09 41.06
CA ASP B 253 -15.94 -7.02 39.76
C ASP B 253 -16.45 -5.81 38.97
N TRP B 254 -15.96 -4.63 39.33
CA TRP B 254 -16.39 -3.42 38.66
C TRP B 254 -15.96 -3.37 37.19
N PHE B 255 -14.93 -4.13 36.83
CA PHE B 255 -14.44 -4.14 35.46
C PHE B 255 -15.54 -4.63 34.53
N GLY B 256 -16.19 -5.73 34.89
CA GLY B 256 -17.31 -6.24 34.11
C GLY B 256 -18.37 -5.18 33.88
N PHE B 257 -18.71 -4.44 34.91
CA PHE B 257 -19.67 -3.33 34.79
C PHE B 257 -19.17 -2.23 33.83
N LEU B 258 -17.87 -1.91 33.88
CA LEU B 258 -17.32 -0.83 33.07
C LEU B 258 -17.20 -1.27 31.60
N GLU B 259 -17.01 -2.57 31.38
CA GLU B 259 -16.91 -3.12 30.02
C GLU B 259 -18.24 -3.09 29.29
N ARG B 260 -19.33 -3.41 29.99
CA ARG B 260 -20.66 -3.33 29.40
C ARG B 260 -20.98 -1.88 29.04
N LEU B 261 -20.54 -0.95 29.90
CA LEU B 261 -20.69 0.48 29.66
C LEU B 261 -19.90 0.92 28.43
N ARG B 262 -18.66 0.46 28.32
CA ARG B 262 -17.81 0.82 27.21
C ARG B 262 -18.41 0.45 25.84
N ARG B 263 -19.21 -0.62 25.81
CA ARG B 263 -19.76 -1.14 24.56
C ARG B 263 -21.24 -0.86 24.39
N SER B 264 -21.79 -0.04 25.27
CA SER B 264 -23.21 0.27 25.25
C SER B 264 -23.43 1.70 24.77
N PRO B 265 -24.42 1.90 23.89
CA PRO B 265 -24.79 3.24 23.42
C PRO B 265 -25.32 4.15 24.54
N VAL B 266 -25.56 3.58 25.72
CA VAL B 266 -26.07 4.35 26.84
C VAL B 266 -25.01 5.37 27.30
N GLN B 267 -23.76 5.16 26.89
CA GLN B 267 -22.69 6.10 27.25
C GLN B 267 -22.96 7.49 26.68
N ARG B 268 -23.75 7.57 25.60
CA ARG B 268 -24.06 8.85 24.95
C ARG B 268 -24.75 9.84 25.90
N LEU B 269 -25.43 9.30 26.92
CA LEU B 269 -26.07 10.12 27.93
C LEU B 269 -25.08 10.64 28.97
N LEU B 270 -23.81 10.27 28.84
CA LEU B 270 -22.84 10.54 29.89
C LEU B 270 -21.55 11.12 29.37
N SER B 271 -21.38 11.07 28.05
CA SER B 271 -20.07 11.38 27.47
C SER B 271 -19.73 12.86 27.64
N ARG B 272 -20.73 13.74 27.58
CA ARG B 272 -20.40 15.17 27.71
C ARG B 272 -19.90 15.48 29.12
N GLY B 273 -20.44 14.80 30.14
CA GLY B 273 -19.93 14.92 31.49
C GLY B 273 -18.56 14.26 31.65
N VAL B 274 -18.42 13.03 31.17
CA VAL B 274 -17.15 12.34 31.37
C VAL B 274 -16.05 13.04 30.59
N TYR B 275 -16.37 13.51 29.38
CA TYR B 275 -15.38 14.11 28.50
C TYR B 275 -15.56 15.62 28.34
N GLU B 276 -16.03 16.27 29.40
CA GLU B 276 -16.27 17.71 29.40
C GLU B 276 -15.10 18.52 28.85
N GLU B 277 -13.89 18.20 29.26
CA GLU B 277 -12.75 19.00 28.83
C GLU B 277 -12.59 18.90 27.31
N GLU B 278 -12.65 17.67 26.80
CA GLU B 278 -12.55 17.39 25.37
C GLU B 278 -13.65 18.05 24.55
N TYR B 279 -14.88 17.94 25.03
CA TYR B 279 -15.97 18.63 24.40
C TYR B 279 -15.74 20.12 24.42
N TYR B 280 -15.25 20.65 25.53
CA TYR B 280 -15.12 22.11 25.68
C TYR B 280 -14.00 22.62 24.79
N GLU B 281 -12.89 21.89 24.76
CA GLU B 281 -11.76 22.29 23.96
C GLU B 281 -12.09 22.32 22.46
N SER B 282 -12.91 21.37 22.00
CA SER B 282 -13.30 21.38 20.59
C SER B 282 -14.16 22.60 20.31
N LEU B 283 -15.00 22.96 21.28
CA LEU B 283 -15.85 24.12 21.08
C LEU B 283 -15.01 25.41 21.07
N GLU B 285 -12.11 25.70 19.66
CA GLU B 285 -11.67 25.74 18.27
C GLU B 285 -12.79 26.23 17.36
N CYS B 286 -14.02 25.79 17.60
CA CYS B 286 -15.17 26.34 16.89
C CYS B 286 -15.25 27.85 17.11
N GLN B 288 -12.77 30.07 17.77
CA GLN B 288 -11.86 30.72 16.84
C GLN B 288 -12.45 30.67 15.44
N CYS B 295 -22.23 28.96 16.43
CA CYS B 295 -21.15 28.51 17.32
C CYS B 295 -21.33 28.98 18.76
N VAL B 296 -21.84 30.20 18.93
CA VAL B 296 -22.23 30.67 20.25
C VAL B 296 -23.32 29.76 20.81
N GLU B 297 -24.32 29.43 19.98
CA GLU B 297 -25.42 28.60 20.48
C GLU B 297 -24.97 27.19 20.81
N LEU B 298 -24.02 26.68 20.05
CA LEU B 298 -23.41 25.40 20.33
C LEU B 298 -22.76 25.38 21.72
N LEU B 299 -22.06 26.45 22.06
CA LEU B 299 -21.41 26.56 23.36
C LEU B 299 -22.45 26.68 24.47
N LYS B 300 -23.48 27.47 24.22
CA LYS B 300 -24.54 27.64 25.20
C LYS B 300 -25.22 26.31 25.55
N SER B 301 -25.45 25.45 24.56
CA SER B 301 -26.07 24.14 24.83
C SER B 301 -25.18 23.35 25.73
N HIS B 302 -23.89 23.35 25.41
CA HIS B 302 -22.89 22.68 26.23
C HIS B 302 -22.95 23.14 27.68
N GLU B 303 -22.79 24.45 27.86
CA GLU B 303 -22.86 25.09 29.17
C GLU B 303 -24.06 24.67 29.96
N THR B 304 -25.21 24.74 29.30
CA THR B 304 -26.48 24.35 29.91
C THR B 304 -26.49 22.87 30.30
N HIS B 305 -26.08 22.00 29.38
CA HIS B 305 -26.03 20.57 29.68
C HIS B 305 -25.13 20.26 30.87
N VAL B 306 -23.97 20.91 30.90
CA VAL B 306 -23.02 20.71 31.99
C VAL B 306 -23.66 21.12 33.32
N GLU B 307 -24.40 22.21 33.29
CA GLU B 307 -25.05 22.69 34.51
C GLU B 307 -26.23 21.80 34.94
N ASN B 308 -27.00 21.29 33.97
CA ASN B 308 -28.06 20.30 34.23
C ASN B 308 -27.55 19.05 34.91
N VAL B 309 -26.42 18.56 34.45
CA VAL B 309 -25.82 17.42 35.06
C VAL B 309 -25.43 17.72 36.50
N LYS B 310 -24.78 18.85 36.73
CA LYS B 310 -24.35 19.23 38.08
C LYS B 310 -25.52 19.34 39.04
N ARG B 311 -26.67 19.80 38.55
CA ARG B 311 -27.86 19.89 39.39
C ARG B 311 -28.53 18.54 39.66
N ASN B 312 -28.21 17.55 38.82
CA ASN B 312 -28.68 16.18 39.03
C ASN B 312 -27.66 15.41 39.88
N GLY B 313 -27.72 15.62 41.19
CA GLY B 313 -26.72 15.10 42.10
C GLY B 313 -26.23 13.66 41.96
N PRO B 314 -27.16 12.70 41.83
CA PRO B 314 -26.77 11.29 41.62
C PRO B 314 -26.09 11.06 40.26
N LEU B 315 -26.65 11.66 39.21
CA LEU B 315 -26.00 11.60 37.90
C LEU B 315 -24.57 12.15 37.97
N TYR B 316 -24.40 13.31 38.61
CA TYR B 316 -23.09 13.96 38.75
C TYR B 316 -22.11 13.09 39.53
N GLY B 317 -22.56 12.53 40.66
CA GLY B 317 -21.75 11.60 41.43
C GLY B 317 -21.31 10.40 40.60
N PHE B 318 -22.24 9.85 39.83
CA PHE B 318 -21.92 8.74 38.94
C PHE B 318 -20.87 9.17 37.94
N ILE B 319 -21.09 10.30 37.28
CA ILE B 319 -20.16 10.78 36.26
C ILE B 319 -18.76 11.08 36.83
N GLN B 320 -18.69 11.59 38.05
CA GLN B 320 -17.39 11.77 38.73
C GLN B 320 -16.64 10.45 38.95
N ARG B 321 -17.35 9.38 39.29
CA ARG B 321 -16.70 8.07 39.45
C ARG B 321 -16.16 7.55 38.14
N LEU B 322 -16.87 7.82 37.03
CA LEU B 322 -16.38 7.34 35.74
C LEU B 322 -15.17 8.15 35.35
N ARG B 323 -15.17 9.44 35.70
CA ARG B 323 -14.04 10.31 35.39
C ARG B 323 -12.80 9.89 36.18
N ASP B 324 -13.01 9.43 37.41
CA ASP B 324 -11.93 8.85 38.21
C ASP B 324 -11.39 7.54 37.61
N VAL B 325 -12.26 6.73 37.00
CA VAL B 325 -11.83 5.48 36.38
C VAL B 325 -10.93 5.80 35.20
N ARG B 326 -11.33 6.83 34.46
CA ARG B 326 -10.58 7.32 33.32
C ARG B 326 -9.22 7.90 33.70
N ALA B 327 -9.22 8.74 34.75
CA ALA B 327 -7.98 9.25 35.31
C ALA B 327 -7.01 8.09 35.62
N ASN B 329 -6.87 4.95 34.30
CA ASN B 329 -6.35 4.41 33.04
C ASN B 329 -5.45 5.43 32.32
#